data_2Y88
#
_entry.id   2Y88
#
_cell.length_a   63.270
_cell.length_b   63.270
_cell.length_c   131.220
_cell.angle_alpha   90.00
_cell.angle_beta   90.00
_cell.angle_gamma   90.00
#
_symmetry.space_group_name_H-M   'P 43 21 2'
#
loop_
_entity.id
_entity.type
_entity.pdbx_description
1 polymer 'PHOSPHORIBOSYL ISOMERASE A'
2 non-polymer '[(2R,3S,4R,5R)-5-[4-AMINOCARBONYL-5-[[(Z)-[(3R,4R)-3,4-DIHYDROXY-2-OXO-5-PHOSPHONOOXY-PENTYL]IMINOMETHYL]AMINO]IMIDAZOL-1-YL]-3,4-DIHYDROXY-OXOLAN-2-YL]METHYL DIHYDROGEN PHOSPHATE'
3 water water
#
_entity_poly.entity_id   1
_entity_poly.type   'polypeptide(L)'
_entity_poly.pdbx_seq_one_letter_code
;MPLILLPAVNVVEGRAVRLVQGKAGSQTEYGSAVDAALGWQRDGAEWIHLVDLDAAFGRGSNHELLAEVVGKLDVQVELS
GGIRDDESLAAALATGCARVNVGTAALENPQWCARVIGEHGDQVAVGLDVQIIDGEHRLRGRGWETDGGDLWDVLERLDS
EGCSRFVVTDITKDGTLGGPNLDLLAGVADRTDAPVIASGGVSSLDDLRAIATLTHRGVEGAIVGKALYARRFTLPQALA
AVRD
;
_entity_poly.pdbx_strand_id   A
#
loop_
_chem_comp.id
_chem_comp.type
_chem_comp.name
_chem_comp.formula
2ER non-polymer '[(2R,3S,4R,5R)-5-[4-AMINOCARBONYL-5-[[(Z)-[(3R,4R)-3,4-DIHYDROXY-2-OXO-5-PHOSPHONOOXY-PENTYL]IMINOMETHYL]AMINO]IMIDAZOL-1-YL]-3,4-DIHYDROXY-OXOLAN-2-YL]METHYL DIHYDROGEN PHOSPHATE' 'C15 H25 N5 O15 P2'
#
# COMPACT_ATOMS: atom_id res chain seq x y z
N MET A 1 0.87 -20.14 -4.25
CA MET A 1 2.12 -19.30 -4.22
C MET A 1 2.22 -18.66 -2.85
N PRO A 2 3.47 -18.51 -2.34
CA PRO A 2 3.58 -17.89 -1.07
C PRO A 2 3.17 -16.41 -1.11
N LEU A 3 2.99 -15.90 0.09
CA LEU A 3 2.70 -14.50 0.28
C LEU A 3 3.83 -13.63 -0.31
N ILE A 4 3.51 -12.67 -1.16
CA ILE A 4 4.48 -11.76 -1.71
C ILE A 4 4.75 -10.70 -0.63
N LEU A 5 6.02 -10.36 -0.51
CA LEU A 5 6.44 -9.31 0.38
C LEU A 5 6.80 -8.07 -0.43
N LEU A 6 6.29 -6.92 0.04
CA LEU A 6 6.54 -5.64 -0.54
C LEU A 6 7.11 -4.69 0.51
N PRO A 7 8.43 -4.56 0.58
CA PRO A 7 8.98 -3.55 1.44
C PRO A 7 8.48 -2.18 1.02
N ALA A 8 8.05 -1.35 1.97
CA ALA A 8 7.58 -0.01 1.72
C ALA A 8 8.74 0.91 1.69
N VAL A 9 8.64 1.85 0.79
CA VAL A 9 9.51 3.02 0.78
C VAL A 9 8.58 4.22 0.66
N ASN A 10 8.40 4.89 1.79
CA ASN A 10 7.52 5.99 1.94
C ASN A 10 8.33 7.28 1.91
N VAL A 11 8.05 8.16 0.97
CA VAL A 11 8.97 9.22 0.65
C VAL A 11 8.46 10.56 1.09
N VAL A 12 9.29 11.24 1.91
CA VAL A 12 9.07 12.62 2.32
C VAL A 12 10.35 13.35 2.03
N GLU A 13 10.29 14.38 1.17
CA GLU A 13 11.47 15.16 0.83
C GLU A 13 12.64 14.32 0.49
N GLY A 14 12.36 13.31 -0.34
CA GLY A 14 13.37 12.51 -0.87
C GLY A 14 13.88 11.40 0.03
N ARG A 15 13.35 11.30 1.25
CA ARG A 15 13.85 10.39 2.26
C ARG A 15 12.86 9.33 2.49
N ALA A 16 13.39 8.17 2.89
CA ALA A 16 12.54 7.06 3.30
C ALA A 16 12.17 7.32 4.75
N VAL A 17 10.87 7.34 5.01
CA VAL A 17 10.39 7.65 6.38
C VAL A 17 9.34 6.61 6.75
N ARG A 18 8.99 6.63 8.03
CA ARG A 18 7.81 6.02 8.49
C ARG A 18 7.12 6.98 9.47
N LEU A 19 5.82 6.77 9.63
CA LEU A 19 4.99 7.45 10.60
C LEU A 19 4.27 6.43 11.46
N VAL A 20 3.74 6.90 12.60
CA VAL A 20 2.92 6.05 13.44
C VAL A 20 1.48 6.51 13.15
N GLN A 21 0.65 5.58 12.65
N GLN A 21 0.74 5.58 12.55
CA GLN A 21 -0.75 5.86 12.34
CA GLN A 21 -0.69 5.70 12.27
C GLN A 21 -0.88 7.07 11.45
C GLN A 21 -0.96 6.86 11.31
N GLY A 22 0.05 7.18 10.51
CA GLY A 22 -0.03 8.17 9.47
C GLY A 22 0.07 9.56 9.92
N LYS A 23 0.50 9.80 11.17
CA LYS A 23 0.53 11.14 11.77
C LYS A 23 1.88 11.78 11.66
N ALA A 24 1.88 12.96 11.05
CA ALA A 24 3.14 13.66 10.78
C ALA A 24 4.14 13.84 11.91
N GLY A 25 3.67 14.15 13.13
CA GLY A 25 4.60 14.40 14.30
C GLY A 25 5.47 13.23 14.78
N SER A 26 5.16 12.07 14.22
CA SER A 26 5.81 10.79 14.62
C SER A 26 6.77 10.27 13.63
N GLN A 27 7.20 11.12 12.72
CA GLN A 27 8.06 10.68 11.62
C GLN A 27 9.46 10.19 12.05
N THR A 28 9.87 9.03 11.53
CA THR A 28 11.21 8.55 11.71
C THR A 28 11.73 8.47 10.29
N GLU A 29 13.05 8.55 10.16
CA GLU A 29 13.69 8.62 8.84
C GLU A 29 14.86 7.69 8.73
N TYR A 30 15.03 7.18 7.49
CA TYR A 30 15.95 6.06 7.29
C TYR A 30 16.75 6.29 6.06
N GLY A 31 17.14 7.48 5.80
CA GLY A 31 17.99 7.69 4.60
C GLY A 31 17.28 8.02 3.31
N SER A 32 18.06 8.01 2.25
CA SER A 32 17.51 8.38 1.02
C SER A 32 16.55 7.35 0.50
N ALA A 33 15.52 7.80 -0.18
CA ALA A 33 14.53 6.86 -0.68
C ALA A 33 15.17 5.94 -1.73
N VAL A 34 16.03 6.45 -2.56
N VAL A 34 16.00 6.50 -2.57
CA VAL A 34 16.66 5.60 -3.59
CA VAL A 34 16.71 5.73 -3.60
C VAL A 34 17.55 4.54 -2.95
C VAL A 34 17.47 4.59 -2.92
N ASP A 35 18.27 4.89 -1.90
CA ASP A 35 19.13 3.90 -1.23
C ASP A 35 18.26 2.90 -0.55
N ALA A 36 17.14 3.34 0.04
CA ALA A 36 16.26 2.38 0.67
C ALA A 36 15.76 1.37 -0.35
N ALA A 37 15.22 1.88 -1.45
CA ALA A 37 14.65 1.02 -2.49
C ALA A 37 15.69 0.06 -3.00
N LEU A 38 16.86 0.57 -3.32
CA LEU A 38 17.90 -0.32 -3.83
C LEU A 38 18.34 -1.32 -2.83
N GLY A 39 18.34 -0.93 -1.57
CA GLY A 39 18.66 -1.91 -0.55
C GLY A 39 17.73 -3.05 -0.45
N TRP A 40 16.45 -2.74 -0.45
CA TRP A 40 15.50 -3.84 -0.36
C TRP A 40 15.62 -4.71 -1.61
N GLN A 41 15.85 -4.12 -2.75
CA GLN A 41 16.09 -4.95 -3.93
C GLN A 41 17.31 -5.81 -3.72
N ARG A 42 18.39 -5.23 -3.23
CA ARG A 42 19.60 -6.02 -3.01
C ARG A 42 19.29 -7.22 -2.11
N ASP A 43 18.46 -6.96 -1.10
CA ASP A 43 18.13 -7.99 -0.12
C ASP A 43 17.18 -9.08 -0.62
N GLY A 44 16.64 -8.89 -1.82
CA GLY A 44 15.81 -9.91 -2.44
C GLY A 44 14.39 -9.51 -2.77
N ALA A 45 14.00 -8.22 -2.56
CA ALA A 45 12.61 -7.84 -2.79
C ALA A 45 12.19 -8.17 -4.21
N GLU A 46 11.00 -8.70 -4.37
CA GLU A 46 10.37 -8.86 -5.66
C GLU A 46 9.62 -7.60 -6.07
N TRP A 47 9.20 -6.84 -5.08
CA TRP A 47 8.34 -5.72 -5.20
C TRP A 47 8.78 -4.63 -4.25
N ILE A 48 8.60 -3.38 -4.59
CA ILE A 48 8.73 -2.23 -3.68
C ILE A 48 7.39 -1.55 -3.72
N HIS A 49 6.86 -1.21 -2.54
CA HIS A 49 5.68 -0.38 -2.42
C HIS A 49 6.16 1.02 -2.13
N LEU A 50 6.12 1.82 -3.18
CA LEU A 50 6.75 3.17 -3.21
C LEU A 50 5.65 4.21 -3.10
N VAL A 51 5.68 5.02 -2.05
CA VAL A 51 4.62 5.92 -1.76
C VAL A 51 5.20 7.33 -1.73
N ASP A 52 4.56 8.23 -2.45
CA ASP A 52 4.86 9.66 -2.32
C ASP A 52 3.99 10.23 -1.23
N LEU A 53 4.51 10.32 0.00
CA LEU A 53 3.69 10.76 1.08
C LEU A 53 3.44 12.20 1.02
N ASP A 54 4.40 12.95 0.44
CA ASP A 54 4.13 14.44 0.25
C ASP A 54 2.98 14.64 -0.66
N ALA A 55 2.85 13.77 -1.68
CA ALA A 55 1.78 13.89 -2.60
C ALA A 55 0.53 13.41 -1.96
N ALA A 56 0.55 12.33 -1.17
CA ALA A 56 -0.67 11.90 -0.49
C ALA A 56 -1.22 13.01 0.45
N PHE A 57 -0.34 13.73 1.12
CA PHE A 57 -0.73 14.86 2.00
C PHE A 57 -0.95 16.12 1.23
N GLY A 58 -0.77 16.20 -0.09
CA GLY A 58 -1.15 17.37 -0.86
C GLY A 58 -0.22 18.52 -0.58
N ARG A 59 1.00 18.24 -0.13
CA ARG A 59 1.96 19.24 0.25
C ARG A 59 3.22 19.30 -0.58
N GLY A 60 3.35 18.44 -1.58
CA GLY A 60 4.51 18.51 -2.46
C GLY A 60 4.51 17.26 -3.30
N SER A 61 5.64 17.05 -3.92
CA SER A 61 5.77 15.95 -4.86
C SER A 61 7.19 15.55 -4.77
N ASN A 62 7.39 14.26 -4.88
CA ASN A 62 8.68 13.58 -5.11
C ASN A 62 8.64 12.83 -6.42
N HIS A 63 7.80 13.24 -7.35
CA HIS A 63 7.58 12.45 -8.50
C HIS A 63 8.89 12.15 -9.30
N GLU A 64 9.69 13.18 -9.54
CA GLU A 64 10.92 12.99 -10.30
C GLU A 64 11.83 12.00 -9.68
N LEU A 65 11.94 12.05 -8.35
CA LEU A 65 12.81 11.14 -7.67
C LEU A 65 12.18 9.71 -7.73
N LEU A 66 10.88 9.65 -7.66
CA LEU A 66 10.21 8.34 -7.74
C LEU A 66 10.41 7.75 -9.12
N ALA A 67 10.34 8.55 -10.15
CA ALA A 67 10.64 8.08 -11.52
C ALA A 67 12.07 7.53 -11.58
N GLU A 68 13.01 8.23 -10.97
CA GLU A 68 14.39 7.75 -10.93
C GLU A 68 14.47 6.42 -10.26
N VAL A 69 13.80 6.30 -9.13
CA VAL A 69 13.81 5.06 -8.39
C VAL A 69 13.24 3.92 -9.22
N VAL A 70 12.09 4.11 -9.82
CA VAL A 70 11.49 3.10 -10.61
C VAL A 70 12.39 2.67 -11.75
N GLY A 71 13.00 3.64 -12.38
CA GLY A 71 13.89 3.40 -13.48
C GLY A 71 15.14 2.64 -13.08
N LYS A 72 15.65 2.84 -11.84
CA LYS A 72 16.88 2.17 -11.41
C LYS A 72 16.59 0.77 -10.96
N LEU A 73 15.39 0.52 -10.50
CA LEU A 73 15.08 -0.82 -10.03
C LEU A 73 14.78 -1.80 -11.14
N ASP A 74 15.22 -3.00 -10.90
CA ASP A 74 14.95 -4.12 -11.78
C ASP A 74 13.64 -4.78 -11.42
N VAL A 75 13.29 -4.72 -10.15
CA VAL A 75 12.11 -5.37 -9.68
C VAL A 75 10.90 -4.53 -9.82
N GLN A 76 9.74 -5.06 -9.42
CA GLN A 76 8.49 -4.44 -9.68
C GLN A 76 8.12 -3.41 -8.63
N VAL A 77 7.59 -2.30 -9.08
CA VAL A 77 7.19 -1.22 -8.19
C VAL A 77 5.70 -0.98 -8.26
N GLU A 78 5.13 -0.89 -7.05
CA GLU A 78 3.79 -0.47 -6.88
C GLU A 78 3.89 0.99 -6.39
N LEU A 79 3.36 1.93 -7.15
CA LEU A 79 3.59 3.34 -6.91
C LEU A 79 2.28 3.98 -6.47
N SER A 80 2.35 4.88 -5.46
CA SER A 80 1.11 5.55 -5.05
C SER A 80 1.48 6.96 -4.51
N GLY A 81 0.43 7.71 -4.30
CA GLY A 81 0.46 9.04 -3.75
C GLY A 81 0.21 10.05 -4.79
N GLY A 82 -0.87 10.75 -4.63
CA GLY A 82 -1.22 11.87 -5.53
C GLY A 82 -1.87 11.45 -6.83
N ILE A 83 -2.16 10.18 -7.03
CA ILE A 83 -2.66 9.74 -8.29
C ILE A 83 -4.16 9.88 -8.32
N ARG A 84 -4.55 11.05 -8.77
CA ARG A 84 -5.90 11.54 -8.56
C ARG A 84 -6.55 12.06 -9.81
N ASP A 85 -5.86 12.02 -10.92
CA ASP A 85 -6.44 12.48 -12.20
C ASP A 85 -5.69 11.88 -13.36
N ASP A 86 -6.15 12.14 -14.56
CA ASP A 86 -5.56 11.49 -15.72
C ASP A 86 -4.10 11.86 -15.88
N GLU A 87 -3.76 13.11 -15.63
CA GLU A 87 -2.39 13.55 -15.77
C GLU A 87 -1.50 12.78 -14.80
N SER A 88 -1.90 12.74 -13.54
CA SER A 88 -1.03 12.16 -12.56
C SER A 88 -1.02 10.64 -12.64
N LEU A 89 -2.11 10.02 -13.09
CA LEU A 89 -2.06 8.61 -13.38
C LEU A 89 -1.12 8.30 -14.54
N ALA A 90 -1.17 9.08 -15.61
CA ALA A 90 -0.25 8.81 -16.68
C ALA A 90 1.18 9.06 -16.25
N ALA A 91 1.43 10.07 -15.42
CA ALA A 91 2.80 10.37 -15.05
C ALA A 91 3.30 9.19 -14.25
N ALA A 92 2.47 8.68 -13.36
CA ALA A 92 2.88 7.52 -12.56
C ALA A 92 3.24 6.33 -13.42
N LEU A 93 2.35 6.03 -14.34
CA LEU A 93 2.56 4.86 -15.21
C LEU A 93 3.75 5.06 -16.14
N ALA A 94 4.02 6.28 -16.55
CA ALA A 94 5.14 6.62 -17.40
C ALA A 94 6.49 6.38 -16.76
N THR A 95 6.52 6.23 -15.46
CA THR A 95 7.72 5.85 -14.81
C THR A 95 8.16 4.46 -15.16
N GLY A 96 7.24 3.66 -15.69
CA GLY A 96 7.50 2.20 -15.87
C GLY A 96 7.17 1.30 -14.73
N CYS A 97 6.48 1.83 -13.75
CA CYS A 97 6.08 1.03 -12.63
C CYS A 97 5.13 -0.06 -13.07
N ALA A 98 5.08 -1.11 -12.23
CA ALA A 98 4.26 -2.26 -12.49
C ALA A 98 2.81 -1.95 -12.31
N ARG A 99 2.45 -1.18 -11.27
CA ARG A 99 1.10 -0.78 -11.05
C ARG A 99 1.12 0.36 -10.08
N VAL A 100 -0.04 0.94 -9.98
CA VAL A 100 -0.29 2.10 -9.08
C VAL A 100 -1.33 1.71 -8.06
N ASN A 101 -1.35 2.47 -6.98
CA ASN A 101 -2.48 2.45 -6.13
C ASN A 101 -3.15 3.83 -6.11
N VAL A 102 -4.46 3.81 -6.12
N VAL A 102 -4.44 3.87 -6.18
CA VAL A 102 -5.34 4.98 -6.03
CA VAL A 102 -5.15 5.11 -5.98
C VAL A 102 -5.89 4.92 -4.62
C VAL A 102 -5.90 4.98 -4.68
N GLY A 103 -5.84 6.05 -3.90
CA GLY A 103 -6.53 6.13 -2.62
C GLY A 103 -7.67 7.10 -2.62
N THR A 104 -7.32 8.36 -2.44
CA THR A 104 -8.31 9.45 -2.35
C THR A 104 -9.30 9.41 -3.48
N ALA A 105 -8.83 9.20 -4.70
CA ALA A 105 -9.77 9.30 -5.82
C ALA A 105 -10.84 8.26 -5.81
N ALA A 106 -10.57 7.10 -5.23
CA ALA A 106 -11.65 6.10 -5.05
C ALA A 106 -12.79 6.57 -4.18
N LEU A 107 -12.47 7.52 -3.33
CA LEU A 107 -13.44 8.07 -2.36
C LEU A 107 -14.12 9.30 -2.99
N GLU A 108 -13.33 10.17 -3.58
CA GLU A 108 -13.84 11.46 -4.00
C GLU A 108 -14.28 11.48 -5.46
N ASN A 109 -13.68 10.58 -6.27
CA ASN A 109 -13.89 10.64 -7.72
C ASN A 109 -14.25 9.26 -8.23
N PRO A 110 -15.32 8.65 -7.68
CA PRO A 110 -15.64 7.29 -8.01
C PRO A 110 -15.81 7.05 -9.49
N GLN A 111 -16.39 8.00 -10.21
CA GLN A 111 -16.57 7.77 -11.62
C GLN A 111 -15.24 7.72 -12.35
N TRP A 112 -14.34 8.62 -12.02
CA TRP A 112 -13.01 8.62 -12.57
C TRP A 112 -12.37 7.26 -12.24
N CYS A 113 -12.43 6.89 -10.98
CA CYS A 113 -11.78 5.70 -10.54
C CYS A 113 -12.31 4.49 -11.29
N ALA A 114 -13.63 4.42 -11.50
CA ALA A 114 -14.22 3.33 -12.24
C ALA A 114 -13.73 3.32 -13.66
N ARG A 115 -13.57 4.51 -14.24
CA ARG A 115 -13.07 4.66 -15.64
CA ARG A 115 -13.07 4.58 -15.62
C ARG A 115 -11.63 4.12 -15.74
N VAL A 116 -10.80 4.49 -14.81
CA VAL A 116 -9.39 4.08 -14.86
C VAL A 116 -9.21 2.61 -14.51
N ILE A 117 -10.03 2.08 -13.63
CA ILE A 117 -10.02 0.66 -13.40
C ILE A 117 -10.31 -0.04 -14.72
N GLY A 118 -11.34 0.47 -15.39
CA GLY A 118 -11.74 -0.09 -16.65
C GLY A 118 -10.73 -0.09 -17.72
N GLU A 119 -9.99 0.99 -17.82
N GLU A 119 -9.95 0.97 -17.83
CA GLU A 119 -9.05 1.18 -18.88
CA GLU A 119 -9.03 1.08 -18.95
C GLU A 119 -7.70 0.51 -18.58
C GLU A 119 -7.61 0.68 -18.59
N HIS A 120 -7.31 0.55 -17.30
CA HIS A 120 -5.97 0.16 -16.92
C HIS A 120 -5.85 -1.18 -16.28
N GLY A 121 -6.93 -1.75 -15.82
CA GLY A 121 -6.93 -3.11 -15.34
C GLY A 121 -5.92 -3.32 -14.23
N ASP A 122 -5.12 -4.36 -14.42
CA ASP A 122 -4.18 -4.77 -13.38
C ASP A 122 -3.14 -3.71 -13.03
N GLN A 123 -3.06 -2.63 -13.80
N GLN A 123 -2.97 -2.67 -13.85
CA GLN A 123 -2.10 -1.58 -13.46
CA GLN A 123 -2.05 -1.58 -13.45
C GLN A 123 -2.64 -0.70 -12.35
C GLN A 123 -2.67 -0.58 -12.47
N VAL A 124 -3.95 -0.74 -12.09
CA VAL A 124 -4.53 0.11 -11.07
C VAL A 124 -5.14 -0.74 -10.00
N ALA A 125 -4.63 -0.55 -8.81
CA ALA A 125 -5.21 -1.14 -7.62
C ALA A 125 -5.74 -0.02 -6.74
N VAL A 126 -6.66 -0.34 -5.84
CA VAL A 126 -7.12 0.67 -4.92
C VAL A 126 -6.61 0.38 -3.50
N GLY A 127 -6.16 1.45 -2.88
CA GLY A 127 -5.77 1.41 -1.47
C GLY A 127 -6.98 1.75 -0.65
N LEU A 128 -7.34 0.85 0.25
CA LEU A 128 -8.41 1.00 1.19
C LEU A 128 -7.79 1.13 2.58
N ASP A 129 -7.72 2.35 3.10
CA ASP A 129 -7.07 2.66 4.34
C ASP A 129 -8.20 2.97 5.32
N VAL A 130 -8.30 2.08 6.29
CA VAL A 130 -9.48 1.94 7.14
C VAL A 130 -9.20 2.34 8.59
N GLN A 131 -10.10 3.12 9.16
CA GLN A 131 -10.07 3.48 10.55
C GLN A 131 -11.36 2.96 11.12
N ILE A 132 -11.24 2.06 12.07
CA ILE A 132 -12.40 1.38 12.60
C ILE A 132 -12.64 1.98 13.96
N ILE A 133 -13.80 2.54 14.14
CA ILE A 133 -14.17 3.08 15.45
C ILE A 133 -15.53 2.55 15.81
N ASP A 134 -15.61 1.89 16.96
CA ASP A 134 -16.87 1.37 17.48
C ASP A 134 -17.55 0.62 16.36
N GLY A 135 -16.76 -0.22 15.69
CA GLY A 135 -17.24 -1.14 14.70
C GLY A 135 -17.49 -0.57 13.32
N GLU A 136 -17.38 0.74 13.17
CA GLU A 136 -17.65 1.43 11.92
C GLU A 136 -16.31 1.46 11.18
N HIS A 137 -16.32 0.84 10.00
CA HIS A 137 -15.10 0.71 9.24
C HIS A 137 -15.18 1.84 8.20
N ARG A 138 -14.41 2.87 8.41
CA ARG A 138 -14.36 4.07 7.57
C ARG A 138 -13.07 4.12 6.82
N LEU A 139 -13.22 4.42 5.56
CA LEU A 139 -12.10 4.76 4.72
C LEU A 139 -11.64 6.16 4.94
N ARG A 140 -10.35 6.34 4.79
CA ARG A 140 -9.75 7.62 4.96
C ARG A 140 -9.02 8.05 3.68
N GLY A 141 -9.12 9.32 3.34
CA GLY A 141 -8.47 9.91 2.22
C GLY A 141 -7.55 11.03 2.59
N ARG A 142 -6.92 11.61 1.58
CA ARG A 142 -6.08 12.76 1.67
C ARG A 142 -5.08 12.65 2.80
N GLY A 143 -4.22 11.65 2.72
CA GLY A 143 -3.23 11.45 3.74
C GLY A 143 -3.80 11.00 5.06
N TRP A 144 -5.04 10.52 5.02
CA TRP A 144 -5.84 9.99 6.07
C TRP A 144 -6.45 11.10 6.89
N GLU A 145 -6.56 12.30 6.30
N GLU A 145 -6.58 12.26 6.29
CA GLU A 145 -7.22 13.47 6.91
CA GLU A 145 -7.16 13.39 6.99
C GLU A 145 -8.74 13.49 6.82
C GLU A 145 -8.66 13.70 6.68
N THR A 146 -9.21 12.84 5.76
CA THR A 146 -10.63 12.87 5.44
C THR A 146 -11.30 11.53 5.60
N ASP A 147 -12.58 11.58 5.84
CA ASP A 147 -13.46 10.48 5.78
C ASP A 147 -13.92 10.18 4.39
N GLY A 148 -13.81 8.91 4.05
CA GLY A 148 -14.10 8.44 2.70
C GLY A 148 -15.20 7.47 2.62
N GLY A 149 -15.97 7.32 3.68
CA GLY A 149 -17.15 6.48 3.62
C GLY A 149 -16.95 5.12 4.21
N ASP A 150 -17.93 4.27 4.06
CA ASP A 150 -17.98 2.98 4.62
C ASP A 150 -17.18 2.01 3.75
N LEU A 151 -16.27 1.28 4.38
CA LEU A 151 -15.38 0.34 3.73
C LEU A 151 -16.20 -0.61 2.90
N TRP A 152 -17.22 -1.22 3.49
CA TRP A 152 -17.86 -2.34 2.87
C TRP A 152 -18.66 -1.88 1.64
N ASP A 153 -19.29 -0.74 1.71
CA ASP A 153 -20.04 -0.22 0.58
C ASP A 153 -19.06 0.09 -0.56
N VAL A 154 -17.91 0.69 -0.25
CA VAL A 154 -16.99 1.12 -1.26
C VAL A 154 -16.33 -0.12 -1.89
N LEU A 155 -15.91 -1.05 -1.04
CA LEU A 155 -15.34 -2.32 -1.50
C LEU A 155 -16.29 -2.99 -2.47
N GLU A 156 -17.56 -3.07 -2.07
CA GLU A 156 -18.55 -3.69 -2.93
C GLU A 156 -18.64 -3.03 -4.29
N ARG A 157 -18.65 -1.71 -4.27
CA ARG A 157 -18.75 -0.94 -5.51
C ARG A 157 -17.52 -1.21 -6.38
N LEU A 158 -16.33 -1.12 -5.77
CA LEU A 158 -15.05 -1.28 -6.53
C LEU A 158 -15.00 -2.66 -7.13
N ASP A 159 -15.40 -3.64 -6.33
CA ASP A 159 -15.36 -5.02 -6.75
C ASP A 159 -16.28 -5.15 -7.95
N SER A 160 -17.46 -4.57 -7.86
N SER A 160 -17.43 -4.52 -7.91
CA SER A 160 -18.46 -4.61 -8.98
CA SER A 160 -18.41 -4.71 -8.99
C SER A 160 -17.81 -4.04 -10.26
C SER A 160 -17.92 -3.96 -10.27
N GLU A 161 -17.09 -2.94 -10.08
CA GLU A 161 -16.47 -2.24 -11.19
C GLU A 161 -15.31 -3.01 -11.81
N GLY A 162 -14.88 -4.08 -11.19
CA GLY A 162 -13.78 -4.80 -11.69
C GLY A 162 -12.40 -4.47 -11.14
N CYS A 163 -12.35 -3.76 -10.01
CA CYS A 163 -11.06 -3.37 -9.43
C CYS A 163 -10.18 -4.60 -9.34
N SER A 164 -8.93 -4.43 -9.82
CA SER A 164 -8.04 -5.58 -9.92
C SER A 164 -7.55 -6.14 -8.61
N ARG A 165 -7.45 -5.29 -7.62
CA ARG A 165 -6.63 -5.58 -6.45
C ARG A 165 -6.92 -4.50 -5.39
N PHE A 166 -6.85 -4.91 -4.14
CA PHE A 166 -7.03 -3.96 -3.09
C PHE A 166 -5.87 -4.04 -2.11
N VAL A 167 -5.39 -2.89 -1.70
CA VAL A 167 -4.30 -2.79 -0.75
C VAL A 167 -4.95 -2.27 0.53
N VAL A 168 -5.01 -3.06 1.58
CA VAL A 168 -5.81 -2.78 2.74
C VAL A 168 -4.94 -2.47 3.96
N THR A 169 -5.18 -1.30 4.55
CA THR A 169 -4.50 -0.84 5.77
C THR A 169 -5.50 -0.66 6.89
N ASP A 170 -5.17 -1.17 8.07
CA ASP A 170 -5.77 -0.67 9.28
C ASP A 170 -4.87 0.46 9.68
N ILE A 171 -5.39 1.68 9.56
CA ILE A 171 -4.55 2.84 9.82
C ILE A 171 -4.10 2.88 11.27
N THR A 172 -4.86 2.30 12.16
N THR A 172 -4.95 2.34 12.13
CA THR A 172 -4.43 2.37 13.56
CA THR A 172 -4.64 2.27 13.58
C THR A 172 -3.36 1.37 13.94
C THR A 172 -3.36 1.45 13.87
N LYS A 173 -3.03 0.52 13.00
CA LYS A 173 -1.88 -0.35 13.14
C LYS A 173 -0.67 0.10 12.38
N ASP A 174 -0.85 0.96 11.39
CA ASP A 174 0.21 1.34 10.48
C ASP A 174 1.30 2.01 11.31
N GLY A 175 2.52 1.54 11.13
CA GLY A 175 3.69 2.12 11.77
C GLY A 175 3.77 1.91 13.24
N THR A 176 2.97 1.00 13.80
CA THR A 176 2.88 0.86 15.24
C THR A 176 3.71 -0.31 15.75
N LEU A 177 4.05 -1.25 14.90
CA LEU A 177 4.64 -2.50 15.35
C LEU A 177 3.72 -3.21 16.29
N GLY A 178 2.41 -3.04 16.07
CA GLY A 178 1.44 -3.65 16.98
C GLY A 178 0.73 -4.85 16.45
N GLY A 179 1.18 -5.31 15.27
CA GLY A 179 0.56 -6.44 14.67
C GLY A 179 -0.47 -6.04 13.61
N PRO A 180 -0.61 -6.88 12.60
CA PRO A 180 -1.62 -6.56 11.57
C PRO A 180 -3.02 -6.83 12.11
N ASN A 181 -4.02 -6.24 11.50
CA ASN A 181 -5.37 -6.50 11.86
C ASN A 181 -5.82 -7.63 10.97
N LEU A 182 -5.73 -8.82 11.47
CA LEU A 182 -6.11 -9.99 10.71
C LEU A 182 -7.57 -10.15 10.48
N ASP A 183 -8.36 -9.60 11.41
CA ASP A 183 -9.79 -9.54 11.23
C ASP A 183 -10.25 -8.73 10.04
N LEU A 184 -9.71 -7.53 9.93
CA LEU A 184 -10.01 -6.69 8.81
C LEU A 184 -9.53 -7.31 7.49
N LEU A 185 -8.30 -7.80 7.45
N LEU A 185 -8.34 -7.86 7.54
CA LEU A 185 -7.77 -8.44 6.24
CA LEU A 185 -7.72 -8.41 6.38
C LEU A 185 -8.61 -9.58 5.80
C LEU A 185 -8.50 -9.58 5.84
N ALA A 186 -8.96 -10.47 6.73
CA ALA A 186 -9.80 -11.63 6.35
C ALA A 186 -11.16 -11.11 5.92
N GLY A 187 -11.68 -10.08 6.59
CA GLY A 187 -12.97 -9.56 6.23
C GLY A 187 -13.04 -9.05 4.81
N VAL A 188 -12.01 -8.35 4.40
CA VAL A 188 -11.94 -7.86 3.04
C VAL A 188 -11.76 -9.01 2.10
N ALA A 189 -10.78 -9.84 2.37
CA ALA A 189 -10.46 -10.98 1.48
C ALA A 189 -11.66 -11.86 1.24
N ASP A 190 -12.44 -12.07 2.28
CA ASP A 190 -13.65 -12.95 2.18
C ASP A 190 -14.78 -12.33 1.38
N ARG A 191 -14.68 -11.04 1.04
CA ARG A 191 -15.69 -10.34 0.28
C ARG A 191 -15.35 -9.96 -1.14
N THR A 192 -14.19 -10.41 -1.61
CA THR A 192 -13.79 -10.16 -2.96
C THR A 192 -12.93 -11.29 -3.44
N ASP A 193 -13.00 -11.59 -4.73
CA ASP A 193 -12.07 -12.54 -5.36
C ASP A 193 -10.82 -11.79 -5.84
N ALA A 194 -10.83 -10.47 -5.82
CA ALA A 194 -9.63 -9.71 -6.24
C ALA A 194 -8.59 -9.91 -5.14
N PRO A 195 -7.32 -10.06 -5.52
CA PRO A 195 -6.23 -10.14 -4.55
C PRO A 195 -6.22 -8.92 -3.62
N VAL A 196 -5.86 -9.26 -2.38
CA VAL A 196 -5.75 -8.29 -1.34
C VAL A 196 -4.29 -8.28 -0.90
N ILE A 197 -3.75 -7.09 -0.78
CA ILE A 197 -2.44 -6.88 -0.21
C ILE A 197 -2.62 -6.29 1.18
N ALA A 198 -2.04 -6.95 2.22
CA ALA A 198 -2.10 -6.50 3.57
C ALA A 198 -1.09 -5.36 3.75
N SER A 199 -1.42 -4.29 4.42
CA SER A 199 -0.48 -3.21 4.65
C SER A 199 -0.62 -2.76 6.08
N GLY A 200 0.47 -2.71 6.79
CA GLY A 200 0.54 -2.07 8.04
C GLY A 200 0.53 -3.04 9.22
N GLY A 201 1.28 -2.68 10.29
CA GLY A 201 1.28 -3.35 11.57
C GLY A 201 2.26 -4.48 11.75
N VAL A 202 2.81 -5.01 10.67
CA VAL A 202 3.71 -6.14 10.84
C VAL A 202 4.78 -5.80 11.83
N SER A 203 4.99 -6.70 12.80
CA SER A 203 5.92 -6.49 13.89
C SER A 203 6.91 -7.58 14.12
N SER A 204 6.78 -8.68 13.39
CA SER A 204 7.51 -9.88 13.63
C SER A 204 7.34 -10.83 12.47
N LEU A 205 8.24 -11.80 12.39
CA LEU A 205 8.11 -12.86 11.44
C LEU A 205 6.83 -13.65 11.68
N ASP A 206 6.43 -13.85 12.95
CA ASP A 206 5.22 -14.54 13.20
C ASP A 206 4.02 -13.79 12.65
N ASP A 207 4.10 -12.47 12.64
CA ASP A 207 3.00 -11.71 11.99
C ASP A 207 2.91 -12.02 10.52
N LEU A 208 4.04 -12.11 9.85
CA LEU A 208 4.00 -12.51 8.49
C LEU A 208 3.49 -13.93 8.28
N ARG A 209 3.83 -14.88 9.15
CA ARG A 209 3.26 -16.19 9.04
C ARG A 209 1.77 -16.18 9.22
N ALA A 210 1.29 -15.32 10.09
CA ALA A 210 -0.10 -15.23 10.37
C ALA A 210 -0.79 -14.70 9.12
N ILE A 211 -0.26 -13.67 8.50
CA ILE A 211 -0.90 -13.18 7.27
C ILE A 211 -0.84 -14.22 6.16
N ALA A 212 0.25 -14.99 6.12
CA ALA A 212 0.39 -16.06 5.13
C ALA A 212 -0.70 -17.08 5.25
N THR A 213 -1.24 -17.27 6.43
CA THR A 213 -2.30 -18.25 6.59
C THR A 213 -3.57 -17.82 5.87
N LEU A 214 -3.63 -16.56 5.38
CA LEU A 214 -4.78 -16.05 4.68
C LEU A 214 -4.62 -16.08 3.18
N THR A 215 -3.52 -16.57 2.66
CA THR A 215 -3.31 -16.53 1.21
CA THR A 215 -3.33 -16.45 1.25
C THR A 215 -4.39 -17.24 0.46
N HIS A 216 -4.86 -18.34 1.02
CA HIS A 216 -5.91 -19.15 0.38
C HIS A 216 -7.22 -18.39 0.33
N ARG A 217 -7.42 -17.39 1.18
CA ARG A 217 -8.64 -16.58 1.16
C ARG A 217 -8.51 -15.36 0.27
N GLY A 218 -7.36 -15.23 -0.33
CA GLY A 218 -7.03 -14.16 -1.27
C GLY A 218 -6.16 -13.04 -0.79
N VAL A 219 -5.41 -13.24 0.30
CA VAL A 219 -4.45 -12.26 0.68
C VAL A 219 -3.15 -12.65 0.00
N GLU A 220 -2.81 -11.86 -1.03
CA GLU A 220 -1.74 -12.20 -1.96
C GLU A 220 -0.39 -11.78 -1.49
N GLY A 221 -0.34 -10.72 -0.69
CA GLY A 221 0.90 -10.19 -0.27
C GLY A 221 0.76 -9.31 0.94
N ALA A 222 1.90 -8.86 1.44
CA ALA A 222 2.02 -8.00 2.58
C ALA A 222 3.11 -6.97 2.37
N ILE A 223 2.74 -5.71 2.60
CA ILE A 223 3.63 -4.57 2.65
C ILE A 223 4.20 -4.45 4.04
N VAL A 224 5.51 -4.28 4.15
CA VAL A 224 6.16 -4.16 5.41
C VAL A 224 7.05 -2.93 5.39
N GLY A 225 6.86 -2.04 6.38
CA GLY A 225 7.64 -0.83 6.50
C GLY A 225 8.47 -0.91 7.75
N LYS A 226 7.90 -0.42 8.86
CA LYS A 226 8.70 -0.17 10.04
C LYS A 226 9.51 -1.35 10.51
N ALA A 227 8.98 -2.56 10.47
CA ALA A 227 9.72 -3.70 11.01
C ALA A 227 11.02 -3.86 10.29
N LEU A 228 11.03 -3.55 9.00
CA LEU A 228 12.25 -3.64 8.22
C LEU A 228 13.18 -2.47 8.50
N TYR A 229 12.67 -1.23 8.50
CA TYR A 229 13.50 -0.07 8.74
C TYR A 229 14.08 -0.07 10.14
N ALA A 230 13.25 -0.48 11.10
CA ALA A 230 13.68 -0.51 12.48
C ALA A 230 14.58 -1.70 12.76
N ARG A 231 14.71 -2.61 11.80
CA ARG A 231 15.51 -3.83 11.93
C ARG A 231 15.04 -4.77 13.04
N ARG A 232 13.70 -4.94 13.07
CA ARG A 232 13.05 -5.97 13.87
C ARG A 232 13.41 -7.35 13.31
N PHE A 233 13.49 -7.46 11.98
CA PHE A 233 13.90 -8.66 11.26
C PHE A 233 14.42 -8.23 9.85
N THR A 234 15.09 -9.16 9.18
CA THR A 234 15.63 -8.93 7.84
C THR A 234 14.68 -9.44 6.76
N LEU A 235 14.90 -8.93 5.52
CA LEU A 235 14.09 -9.36 4.42
C LEU A 235 14.19 -10.88 4.13
N PRO A 236 15.42 -11.40 4.12
CA PRO A 236 15.55 -12.87 3.87
C PRO A 236 14.91 -13.68 4.96
N GLN A 237 14.96 -13.19 6.24
CA GLN A 237 14.17 -13.87 7.27
C GLN A 237 12.74 -13.91 6.94
N ALA A 238 12.24 -12.78 6.48
CA ALA A 238 10.83 -12.64 6.12
C ALA A 238 10.45 -13.52 4.94
N LEU A 239 11.30 -13.49 3.90
CA LEU A 239 11.04 -14.33 2.73
C LEU A 239 11.02 -15.81 3.05
N ALA A 240 11.90 -16.16 3.96
CA ALA A 240 11.90 -17.54 4.44
C ALA A 240 10.72 -17.87 5.31
N ALA A 241 10.30 -16.95 6.15
CA ALA A 241 9.15 -17.18 7.07
C ALA A 241 7.87 -17.50 6.32
N VAL A 242 7.66 -16.83 5.18
CA VAL A 242 6.39 -17.02 4.49
C VAL A 242 6.33 -18.32 3.75
N ARG A 243 7.47 -18.97 3.67
CA ARG A 243 7.46 -20.33 3.11
C ARG A 243 7.49 -21.39 4.17
N ASP A 244 7.60 -21.08 5.43
CA ASP A 244 7.50 -22.14 6.46
C ASP A 244 6.24 -22.92 6.29
N1 2ER B . -1.03 7.05 2.39
C2 2ER B . -1.82 8.08 2.60
N3 2ER B . -1.58 8.61 3.82
C4 2ER B . -0.64 7.87 4.38
C5 2ER B . -0.31 6.89 3.51
N6 2ER B . 0.60 5.87 3.58
C7 2ER B . 0.76 5.28 4.92
C7 2ER B . 2.14 5.96 3.77
N8 2ER B . 1.72 4.26 5.09
N8 2ER B . 2.49 4.73 3.06
C9 2ER B . -0.11 8.20 5.72
N9 2ER B . -0.72 9.29 6.28
O9 2ER B . 0.91 7.67 6.21
O'1 2ER B . -4.11 8.44 -3.86
O'L 2ER B . 3.24 -0.72 9.74
C1' 2ER B . -0.88 6.16 1.24
C1B 2ER B . 2.56 3.96 3.94
C1B 2ER B . 2.89 3.99 4.25
C2'' 2ER B . 3.18 2.52 3.77
C2'' 2ER B . 2.54 2.52 4.11
C2' 2ER B . -2.07 5.44 0.95
O2' 2ER B . -2.01 4.21 1.66
O2B 2ER B . 3.69 2.26 2.68
O2B 2ER B . 1.62 2.04 3.43
C3'' 2ER B . 3.32 1.74 5.08
C3' 2ER B . -1.93 5.22 -0.56
O3' 2ER B . -0.93 4.25 -0.90
O3B 2ER B . 4.72 1.92 5.07
C4' 2ER B . -1.45 6.57 -1.03
O4' 2ER B . -0.88 7.16 0.13
C4B 2ER B . 2.93 0.26 4.99
O4B 2ER B . 1.52 0.18 5.31
C5' 2ER B . -2.79 7.24 -1.50
C5B 2ER B . 3.72 -0.52 6.03
O6' 2ER B . -2.46 8.45 -2.04
O6B 2ER B . 3.31 -0.07 7.41
P7' 2ER B . -3.64 9.30 -2.73
P7B 2ER B . 4.24 -0.59 8.62
O8' 2ER B . -2.96 10.64 -3.11
O8B 2ER B . 5.32 0.45 8.85
O9' 2ER B . -4.79 9.32 -1.68
O9B 2ER B . 4.75 -1.94 8.19
#